data_1IID
#
_entry.id   1IID
#
_cell.length_a   75.129
_cell.length_b   97.060
_cell.length_c   141.809
_cell.angle_alpha   90.00
_cell.angle_beta   90.00
_cell.angle_gamma   90.00
#
_symmetry.space_group_name_H-M   'C 2 2 21'
#
loop_
_entity.id
_entity.type
_entity.pdbx_description
1 polymer 'Peptide N-myristoyltransferase'
2 polymer 'Octapeptide GLYASKLA'
3 non-polymer 'NICKEL (II) ION'
4 non-polymer S-(2-OXO)PENTADECYLCOA
5 water water
#
loop_
_entity_poly.entity_id
_entity_poly.type
_entity_poly.pdbx_seq_one_letter_code
_entity_poly.pdbx_strand_id
1 'polypeptide(L)'
;AMKDHKFWRTQPVKDFDEKVVEEGPIDKPKTPEDISDKPLPLLSSFEWCSIDVDNKKQLEDVFVLLNENYVEDRDAGFRF
NYTKEFFNWALKSPGWKKDWHIGVRVKETQKLVAFISAIPVTLGVRGKQVPSVEINFLCVHKQLRSKRLTPVLIKEITRR
VNKCDIWHALYTAGIVLPAPVSTCRYTHRPLNWKKLYEVDFTGLPDGHTEEDMIAENALPAKTKTAGLRKLKKEDIDQVF
ELFKRYQSRFELIQIFTKEEFEHNFIGEESLPLDKQVIFSYVVEQPDGKITDFFSFYSLPFTILNNTKYKDLGIGYLYYY
ATDADFQFKDRFDPKATKALKTRLCELIYDACILAKNANMDVFNALTSQDNTLFLDDLKFGPGDGFLNFYLFNYRAKPIT
GGLNPDNSNDIKRRSNVGVVML
;
A
2 'polypeptide(L)' GLYASKLA O
#
# COMPACT_ATOMS: atom_id res chain seq x y z
N ALA A 1 -16.96 18.23 -6.54
CA ALA A 1 -15.73 17.44 -6.82
C ALA A 1 -14.55 18.33 -7.25
N MET A 2 -14.82 19.31 -8.11
CA MET A 2 -13.78 20.19 -8.62
C MET A 2 -13.47 21.46 -7.83
N LYS A 3 -14.47 22.03 -7.17
CA LYS A 3 -14.26 23.27 -6.40
C LYS A 3 -14.55 23.17 -4.91
N ASP A 4 -15.05 22.03 -4.45
CA ASP A 4 -15.38 21.83 -3.04
C ASP A 4 -14.15 21.56 -2.18
N HIS A 5 -13.05 22.27 -2.43
CA HIS A 5 -11.83 22.04 -1.65
C HIS A 5 -11.22 23.28 -1.03
N LYS A 6 -11.63 23.59 0.20
CA LYS A 6 -11.09 24.77 0.88
C LYS A 6 -9.57 24.73 1.02
N PHE A 7 -9.10 23.71 1.74
CA PHE A 7 -7.69 23.51 2.02
C PHE A 7 -6.77 23.20 0.85
N TRP A 8 -7.15 22.22 0.04
CA TRP A 8 -6.33 21.83 -1.10
C TRP A 8 -6.23 22.89 -2.17
N ARG A 9 -7.12 23.88 -2.08
CA ARG A 9 -7.18 25.01 -3.01
C ARG A 9 -5.96 25.91 -2.77
N THR A 10 -5.35 25.74 -1.61
CA THR A 10 -4.20 26.56 -1.20
C THR A 10 -2.85 25.82 -1.22
N GLN A 11 -2.88 24.53 -1.55
CA GLN A 11 -1.69 23.70 -1.55
C GLN A 11 -0.95 23.56 -2.86
N PRO A 12 0.36 23.24 -2.80
CA PRO A 12 1.23 23.07 -3.97
C PRO A 12 0.86 21.80 -4.74
N VAL A 13 -0.36 21.77 -5.29
CA VAL A 13 -0.81 20.60 -6.03
C VAL A 13 -1.29 20.84 -7.45
N LYS A 14 -1.09 19.83 -8.27
CA LYS A 14 -1.52 19.81 -9.65
C LYS A 14 -3.05 19.98 -9.57
N ASP A 15 -3.64 20.82 -10.41
CA ASP A 15 -5.08 20.95 -10.30
C ASP A 15 -5.82 20.10 -11.35
N PHE A 16 -7.07 19.79 -11.03
CA PHE A 16 -7.93 18.98 -11.87
C PHE A 16 -7.88 19.34 -13.34
N ASP A 17 -7.54 18.37 -14.18
CA ASP A 17 -7.49 18.59 -15.62
C ASP A 17 -6.34 19.49 -16.08
N GLU A 18 -5.28 19.55 -15.29
CA GLU A 18 -4.14 20.37 -15.64
C GLU A 18 -3.35 19.67 -16.73
N LYS A 19 -3.07 20.35 -17.82
CA LYS A 19 -2.29 19.73 -18.88
C LYS A 19 -0.82 19.97 -18.56
N VAL A 20 -0.22 19.05 -17.84
CA VAL A 20 1.20 19.19 -17.49
C VAL A 20 2.08 18.97 -18.72
N VAL A 21 2.89 19.97 -19.05
CA VAL A 21 3.79 19.90 -20.20
C VAL A 21 5.24 19.74 -19.76
N GLU A 22 5.57 20.30 -18.60
CA GLU A 22 6.91 20.21 -18.03
C GLU A 22 6.75 19.78 -16.57
N GLU A 23 7.26 18.60 -16.23
CA GLU A 23 7.12 18.11 -14.87
C GLU A 23 8.15 18.68 -13.91
N GLY A 24 7.75 18.83 -12.64
CA GLY A 24 8.66 19.35 -11.65
C GLY A 24 7.98 19.91 -10.42
N PRO A 25 8.77 20.46 -9.50
CA PRO A 25 8.29 21.06 -8.24
C PRO A 25 7.23 22.12 -8.52
N ILE A 26 6.31 22.32 -7.58
CA ILE A 26 5.26 23.31 -7.76
C ILE A 26 5.67 24.68 -7.18
N ASP A 27 5.86 24.75 -5.87
CA ASP A 27 6.28 26.00 -5.24
C ASP A 27 7.65 26.44 -5.72
N LYS A 28 7.93 27.72 -5.51
CA LYS A 28 9.22 28.29 -5.87
C LYS A 28 10.15 27.74 -4.78
N PRO A 29 11.44 27.53 -5.10
CA PRO A 29 12.39 27.00 -4.10
C PRO A 29 12.36 27.72 -2.76
N LYS A 30 12.51 26.94 -1.68
CA LYS A 30 12.55 27.45 -0.31
C LYS A 30 13.67 26.67 0.37
N THR A 31 14.08 27.11 1.55
CA THR A 31 15.12 26.39 2.29
C THR A 31 14.58 26.16 3.68
N PRO A 32 15.18 25.21 4.41
CA PRO A 32 14.65 24.97 5.75
C PRO A 32 14.64 26.14 6.74
N GLU A 33 15.57 27.09 6.63
CA GLU A 33 15.54 28.17 7.61
C GLU A 33 14.37 29.16 7.42
N ASP A 34 13.88 29.31 6.20
CA ASP A 34 12.74 30.20 6.04
C ASP A 34 11.48 29.33 6.19
N ILE A 35 11.53 28.49 7.22
CA ILE A 35 10.45 27.58 7.61
C ILE A 35 10.35 27.59 9.12
N SER A 36 9.18 28.00 9.62
CA SER A 36 8.93 28.07 11.06
C SER A 36 9.50 26.89 11.82
N ASP A 37 10.39 27.16 12.75
CA ASP A 37 10.98 26.11 13.56
C ASP A 37 10.08 25.71 14.73
N LYS A 38 8.81 26.10 14.65
CA LYS A 38 7.85 25.78 15.70
C LYS A 38 6.55 25.23 15.13
N PRO A 39 6.03 24.14 15.71
CA PRO A 39 4.79 23.51 15.26
C PRO A 39 3.61 24.46 15.11
N LEU A 40 2.62 24.05 14.34
CA LEU A 40 1.43 24.87 14.11
C LEU A 40 0.63 25.02 15.38
N PRO A 41 -0.36 25.93 15.37
CA PRO A 41 -1.24 26.18 16.52
C PRO A 41 -2.39 25.18 16.60
N LEU A 42 -2.45 24.46 17.71
CA LEU A 42 -3.50 23.46 17.92
C LEU A 42 -4.66 23.98 18.74
N LEU A 43 -5.78 23.29 18.65
CA LEU A 43 -6.96 23.65 19.43
C LEU A 43 -6.46 23.87 20.87
N SER A 44 -7.04 24.86 21.55
CA SER A 44 -6.66 25.23 22.91
C SER A 44 -6.47 24.07 23.89
N SER A 45 -7.35 23.08 23.86
CA SER A 45 -7.26 21.94 24.77
C SER A 45 -6.36 20.79 24.29
N PHE A 46 -6.06 20.77 22.99
CA PHE A 46 -5.22 19.73 22.41
C PHE A 46 -3.73 20.06 22.47
N GLU A 47 -2.91 19.05 22.22
CA GLU A 47 -1.45 19.19 22.20
C GLU A 47 -0.80 18.17 21.25
N TRP A 48 0.35 18.57 20.68
CA TRP A 48 1.11 17.71 19.77
C TRP A 48 1.87 16.65 20.54
N CYS A 49 2.50 15.75 19.81
CA CYS A 49 3.29 14.68 20.39
C CYS A 49 3.87 13.82 19.27
N SER A 50 5.05 13.26 19.53
CA SER A 50 5.71 12.38 18.60
C SER A 50 5.40 10.97 19.07
N ILE A 51 5.75 9.98 18.25
CA ILE A 51 5.51 8.59 18.63
C ILE A 51 6.74 7.73 18.46
N ASP A 52 7.29 7.28 19.58
CA ASP A 52 8.46 6.42 19.55
C ASP A 52 7.97 4.98 19.42
N VAL A 53 8.10 4.44 18.21
CA VAL A 53 7.67 3.08 17.92
C VAL A 53 8.31 2.11 18.92
N ASP A 54 9.54 2.41 19.31
CA ASP A 54 10.28 1.58 20.26
C ASP A 54 9.62 1.65 21.64
N ASN A 55 8.70 2.60 21.81
CA ASN A 55 7.99 2.77 23.06
C ASN A 55 6.69 1.96 23.07
N LYS A 56 6.60 1.04 24.02
CA LYS A 56 5.47 0.15 24.16
C LYS A 56 4.12 0.86 24.27
N LYS A 57 4.03 1.83 25.19
CA LYS A 57 2.79 2.56 25.38
C LYS A 57 2.45 3.45 24.19
N GLN A 58 3.40 4.27 23.79
CA GLN A 58 3.20 5.19 22.68
C GLN A 58 2.65 4.51 21.42
N LEU A 59 3.21 3.33 21.07
CA LEU A 59 2.73 2.62 19.89
C LEU A 59 1.43 1.91 20.23
N GLU A 60 1.32 1.50 21.49
CA GLU A 60 0.11 0.83 21.97
C GLU A 60 -1.11 1.71 21.73
N ASP A 61 -0.96 3.01 21.93
CA ASP A 61 -2.07 3.94 21.74
C ASP A 61 -2.47 4.04 20.28
N VAL A 62 -1.47 4.22 19.44
CA VAL A 62 -1.69 4.35 18.01
C VAL A 62 -2.61 3.30 17.41
N PHE A 63 -2.26 2.02 17.53
CA PHE A 63 -3.13 1.01 16.93
C PHE A 63 -4.49 0.90 17.60
N VAL A 64 -4.60 1.28 18.85
CA VAL A 64 -5.89 1.22 19.52
C VAL A 64 -6.81 2.20 18.78
N LEU A 65 -6.31 3.42 18.60
CA LEU A 65 -7.06 4.45 17.90
C LEU A 65 -7.39 3.97 16.49
N LEU A 66 -6.39 3.47 15.77
CA LEU A 66 -6.59 3.02 14.42
C LEU A 66 -7.46 1.78 14.31
N ASN A 67 -7.52 1.00 15.38
CA ASN A 67 -8.34 -0.20 15.36
C ASN A 67 -9.79 0.18 15.64
N GLU A 68 -9.96 1.25 16.41
CA GLU A 68 -11.30 1.71 16.75
C GLU A 68 -11.88 2.69 15.75
N ASN A 69 -11.04 3.55 15.20
CA ASN A 69 -11.53 4.57 14.27
C ASN A 69 -11.13 4.48 12.82
N TYR A 70 -10.51 3.40 12.38
CA TYR A 70 -10.13 3.35 10.98
C TYR A 70 -11.30 3.02 10.05
N VAL A 71 -12.28 2.28 10.54
CA VAL A 71 -13.43 1.94 9.73
C VAL A 71 -14.41 3.09 9.79
N GLU A 72 -15.02 3.43 8.65
CA GLU A 72 -15.96 4.54 8.62
C GLU A 72 -17.42 4.12 8.49
N ASP A 73 -17.92 3.55 9.58
CA ASP A 73 -19.29 3.08 9.75
C ASP A 73 -20.11 2.36 8.68
N ARG A 74 -19.47 1.55 7.83
CA ARG A 74 -20.21 0.75 6.85
C ARG A 74 -19.93 -0.66 7.33
N ASP A 75 -20.24 -0.86 8.61
CA ASP A 75 -20.01 -2.11 9.31
C ASP A 75 -20.49 -3.36 8.57
N ALA A 76 -19.67 -4.39 8.63
CA ALA A 76 -19.91 -5.70 8.06
C ALA A 76 -19.16 -6.56 9.05
N GLY A 77 -18.89 -5.93 10.21
CA GLY A 77 -18.21 -6.57 11.30
C GLY A 77 -16.77 -6.12 11.46
N PHE A 78 -16.20 -5.50 10.44
CA PHE A 78 -14.80 -5.13 10.53
C PHE A 78 -14.31 -3.90 11.29
N ARG A 79 -13.11 -4.11 11.83
CA ARG A 79 -12.33 -3.14 12.58
C ARG A 79 -10.95 -3.56 12.13
N PHE A 80 -10.11 -2.62 11.73
CA PHE A 80 -8.77 -2.99 11.32
C PHE A 80 -8.11 -3.61 12.52
N ASN A 81 -7.07 -4.38 12.28
CA ASN A 81 -6.39 -5.00 13.38
C ASN A 81 -4.90 -4.80 13.27
N TYR A 82 -4.48 -3.54 13.41
CA TYR A 82 -3.07 -3.20 13.37
C TYR A 82 -2.47 -3.82 14.62
N THR A 83 -1.27 -4.37 14.45
CA THR A 83 -0.55 -5.05 15.51
C THR A 83 0.72 -4.28 15.79
N LYS A 84 1.43 -4.64 16.87
CA LYS A 84 2.67 -3.96 17.17
C LYS A 84 3.67 -4.41 16.10
N GLU A 85 3.55 -5.68 15.70
CA GLU A 85 4.43 -6.22 14.68
C GLU A 85 4.26 -5.39 13.43
N PHE A 86 3.03 -5.29 12.95
CA PHE A 86 2.77 -4.52 11.74
C PHE A 86 3.45 -3.16 11.75
N PHE A 87 3.16 -2.35 12.76
CA PHE A 87 3.74 -1.02 12.85
C PHE A 87 5.25 -1.00 13.10
N ASN A 88 5.77 -2.02 13.78
CA ASN A 88 7.21 -2.07 14.00
C ASN A 88 7.87 -2.24 12.65
N TRP A 89 7.16 -2.91 11.73
CA TRP A 89 7.67 -3.12 10.39
C TRP A 89 7.47 -1.87 9.55
N ALA A 90 6.23 -1.38 9.51
CA ALA A 90 5.87 -0.21 8.72
C ALA A 90 6.52 1.09 9.14
N LEU A 91 6.65 1.31 10.44
CA LEU A 91 7.19 2.58 10.95
C LEU A 91 8.67 2.67 11.22
N LYS A 92 9.41 1.62 10.92
CA LYS A 92 10.84 1.70 11.19
C LYS A 92 11.69 1.49 9.95
N SER A 93 11.24 2.09 8.85
CA SER A 93 11.96 2.01 7.59
C SER A 93 13.25 2.81 7.82
N PRO A 94 14.33 2.48 7.09
CA PRO A 94 15.55 3.26 7.33
C PRO A 94 15.30 4.76 7.15
N GLY A 95 15.64 5.55 8.17
CA GLY A 95 15.46 6.98 8.08
C GLY A 95 14.32 7.57 8.91
N TRP A 96 13.54 6.72 9.54
CA TRP A 96 12.41 7.17 10.34
C TRP A 96 12.77 8.01 11.57
N LYS A 97 11.80 8.78 12.07
CA LYS A 97 11.98 9.62 13.26
C LYS A 97 10.71 9.72 14.08
N LYS A 98 10.83 9.76 15.40
CA LYS A 98 9.64 9.84 16.24
C LYS A 98 8.86 11.11 15.93
N ASP A 99 9.57 12.16 15.52
CA ASP A 99 8.93 13.42 15.17
C ASP A 99 7.89 13.15 14.10
N TRP A 100 8.32 12.46 13.06
CA TRP A 100 7.48 12.15 11.91
C TRP A 100 6.29 11.22 12.11
N HIS A 101 6.16 10.64 13.29
CA HIS A 101 5.00 9.82 13.56
C HIS A 101 4.23 10.67 14.55
N ILE A 102 3.54 11.68 13.99
CA ILE A 102 2.77 12.66 14.76
C ILE A 102 1.38 12.23 15.18
N GLY A 103 0.99 12.74 16.34
CA GLY A 103 -0.33 12.47 16.89
C GLY A 103 -0.82 13.68 17.64
N VAL A 104 -2.04 13.60 18.18
CA VAL A 104 -2.62 14.69 18.95
C VAL A 104 -3.27 14.13 20.20
N ARG A 105 -2.77 14.52 21.36
CA ARG A 105 -3.31 14.05 22.64
C ARG A 105 -3.99 15.19 23.40
N VAL A 106 -5.21 14.95 23.89
CA VAL A 106 -5.94 15.94 24.65
C VAL A 106 -5.08 16.30 25.86
N LYS A 107 -4.82 17.58 26.06
CA LYS A 107 -3.98 18.07 27.14
C LYS A 107 -4.11 17.39 28.50
N GLU A 108 -5.34 17.10 28.93
CA GLU A 108 -5.56 16.48 30.24
C GLU A 108 -5.72 14.95 30.20
N THR A 109 -6.70 14.47 29.43
CA THR A 109 -6.94 13.03 29.33
C THR A 109 -5.76 12.26 28.73
N GLN A 110 -4.85 12.96 28.07
CA GLN A 110 -3.69 12.35 27.42
C GLN A 110 -4.05 11.24 26.45
N LYS A 111 -5.32 11.19 26.07
CA LYS A 111 -5.80 10.18 25.13
C LYS A 111 -5.52 10.67 23.71
N LEU A 112 -4.76 9.88 22.96
CA LEU A 112 -4.42 10.24 21.59
C LEU A 112 -5.70 10.26 20.77
N VAL A 113 -5.89 11.31 19.98
CA VAL A 113 -7.11 11.45 19.19
C VAL A 113 -6.89 11.53 17.67
N ALA A 114 -5.69 11.89 17.26
CA ALA A 114 -5.36 11.97 15.84
C ALA A 114 -3.93 11.44 15.58
N PHE A 115 -3.67 11.03 14.34
CA PHE A 115 -2.36 10.50 13.97
C PHE A 115 -2.13 10.59 12.46
N ILE A 116 -0.87 10.80 12.06
CA ILE A 116 -0.48 10.88 10.65
C ILE A 116 1.02 10.58 10.60
N SER A 117 1.43 9.71 9.67
CA SER A 117 2.83 9.28 9.59
C SER A 117 3.60 9.66 8.31
N ALA A 118 4.90 9.91 8.49
CA ALA A 118 5.77 10.27 7.38
C ALA A 118 7.11 9.55 7.47
N ILE A 119 7.49 8.88 6.39
CA ILE A 119 8.78 8.19 6.34
C ILE A 119 9.47 8.59 5.04
N PRO A 120 10.77 8.90 5.10
CA PRO A 120 11.58 9.32 3.96
C PRO A 120 11.80 8.25 2.88
N VAL A 121 11.62 8.66 1.63
CA VAL A 121 11.79 7.78 0.49
C VAL A 121 12.30 8.59 -0.72
N THR A 122 13.03 7.94 -1.62
CA THR A 122 13.46 8.65 -2.81
C THR A 122 12.52 8.14 -3.87
N LEU A 123 11.93 9.04 -4.63
CA LEU A 123 10.97 8.68 -5.65
C LEU A 123 11.50 8.83 -7.06
N GLY A 124 11.04 7.94 -7.91
CA GLY A 124 11.42 7.99 -9.30
C GLY A 124 10.18 8.39 -10.05
N VAL A 125 10.21 9.57 -10.66
CA VAL A 125 9.08 10.04 -11.43
C VAL A 125 9.63 10.26 -12.82
N ARG A 126 9.24 9.38 -13.72
CA ARG A 126 9.68 9.42 -15.10
C ARG A 126 11.17 9.77 -15.19
N GLY A 127 11.97 9.01 -14.45
CA GLY A 127 13.40 9.20 -14.49
C GLY A 127 14.01 10.21 -13.54
N LYS A 128 13.19 11.16 -13.08
CA LYS A 128 13.69 12.18 -12.16
C LYS A 128 13.66 11.64 -10.74
N GLN A 129 14.77 11.82 -10.02
CA GLN A 129 14.87 11.37 -8.63
C GLN A 129 14.30 12.49 -7.77
N VAL A 130 13.44 12.14 -6.83
CA VAL A 130 12.81 13.16 -6.01
C VAL A 130 12.82 12.81 -4.53
N PRO A 131 13.74 13.43 -3.76
CA PRO A 131 13.84 13.18 -2.31
C PRO A 131 12.45 13.45 -1.74
N SER A 132 11.88 12.46 -1.06
CA SER A 132 10.52 12.61 -0.55
C SER A 132 10.20 11.94 0.77
N VAL A 133 8.93 11.98 1.09
CA VAL A 133 8.42 11.34 2.28
C VAL A 133 7.22 10.57 1.75
N GLU A 134 6.80 9.57 2.51
CA GLU A 134 5.64 8.78 2.12
C GLU A 134 4.70 9.05 3.27
N ILE A 135 3.45 9.39 2.97
CA ILE A 135 2.50 9.66 4.05
C ILE A 135 1.43 8.57 4.13
N ASN A 136 1.17 8.11 5.34
CA ASN A 136 0.13 7.10 5.55
C ASN A 136 -0.33 7.04 7.00
N PHE A 137 -1.37 6.25 7.24
CA PHE A 137 -1.92 6.03 8.57
C PHE A 137 -2.60 7.24 9.22
N LEU A 138 -3.15 8.12 8.39
CA LEU A 138 -3.85 9.31 8.86
C LEU A 138 -5.17 8.93 9.56
N CYS A 139 -5.32 9.28 10.84
CA CYS A 139 -6.57 8.92 11.50
C CYS A 139 -7.02 9.87 12.59
N VAL A 140 -8.33 10.09 12.67
CA VAL A 140 -8.96 10.96 13.66
C VAL A 140 -10.08 10.20 14.36
N HIS A 141 -10.24 10.43 15.66
CA HIS A 141 -11.30 9.77 16.42
C HIS A 141 -12.65 10.19 15.83
N LYS A 142 -13.60 9.26 15.82
CA LYS A 142 -14.94 9.50 15.25
C LYS A 142 -15.72 10.69 15.82
N GLN A 143 -15.42 11.07 17.05
CA GLN A 143 -16.09 12.20 17.67
C GLN A 143 -15.10 13.35 17.66
N LEU A 144 -14.61 13.67 16.47
CA LEU A 144 -13.66 14.74 16.27
C LEU A 144 -13.52 14.98 14.77
N ARG A 145 -14.40 14.35 14.01
CA ARG A 145 -14.38 14.48 12.57
C ARG A 145 -15.25 15.61 12.05
N SER A 146 -15.22 15.81 10.75
CA SER A 146 -15.99 16.86 10.12
C SER A 146 -15.73 18.21 10.78
N LYS A 147 -14.70 18.29 11.61
CA LYS A 147 -14.34 19.53 12.31
C LYS A 147 -13.06 20.13 11.73
N ARG A 148 -12.66 19.63 10.55
CA ARG A 148 -11.46 20.08 9.83
C ARG A 148 -10.16 20.19 10.63
N LEU A 149 -9.70 19.05 11.15
CA LEU A 149 -8.46 19.00 11.89
C LEU A 149 -7.39 18.46 10.93
N THR A 150 -7.80 17.52 10.08
CA THR A 150 -6.90 16.90 9.12
C THR A 150 -5.95 17.89 8.44
N PRO A 151 -6.49 18.98 7.89
CA PRO A 151 -5.61 19.95 7.23
C PRO A 151 -4.52 20.48 8.18
N VAL A 152 -4.85 20.55 9.47
CA VAL A 152 -3.91 21.03 10.46
C VAL A 152 -2.77 20.01 10.50
N LEU A 153 -3.16 18.75 10.59
CA LEU A 153 -2.21 17.65 10.63
C LEU A 153 -1.35 17.63 9.37
N ILE A 154 -1.98 17.91 8.23
CA ILE A 154 -1.27 17.93 6.96
C ILE A 154 -0.31 19.11 6.91
N LYS A 155 -0.64 20.18 7.61
CA LYS A 155 0.22 21.35 7.60
C LYS A 155 1.37 21.15 8.59
N GLU A 156 1.07 20.48 9.69
CA GLU A 156 2.09 20.20 10.70
C GLU A 156 3.09 19.12 10.24
N ILE A 157 2.63 18.12 9.49
CA ILE A 157 3.54 17.08 9.02
C ILE A 157 4.43 17.68 7.92
N THR A 158 3.84 18.55 7.10
CA THR A 158 4.56 19.21 6.03
C THR A 158 5.65 20.10 6.62
N ARG A 159 5.31 20.85 7.66
CA ARG A 159 6.28 21.73 8.30
C ARG A 159 7.49 20.94 8.77
N ARG A 160 7.25 19.93 9.60
CA ARG A 160 8.32 19.11 10.13
C ARG A 160 9.18 18.46 9.03
N VAL A 161 8.58 18.14 7.89
CA VAL A 161 9.34 17.54 6.81
C VAL A 161 10.15 18.62 6.13
N ASN A 162 9.48 19.73 5.81
CA ASN A 162 10.13 20.86 5.17
C ASN A 162 11.34 21.34 5.98
N LYS A 163 11.24 21.22 7.29
CA LYS A 163 12.31 21.66 8.17
C LYS A 163 13.53 20.75 8.05
N CYS A 164 13.36 19.64 7.33
CA CYS A 164 14.44 18.70 7.12
C CYS A 164 14.82 18.70 5.65
N ASP A 165 14.52 19.79 4.98
CA ASP A 165 14.83 19.95 3.56
C ASP A 165 14.29 18.85 2.63
N ILE A 166 13.02 18.47 2.84
CA ILE A 166 12.34 17.49 2.02
C ILE A 166 11.09 18.21 1.56
N TRP A 167 10.97 18.45 0.27
CA TRP A 167 9.83 19.19 -0.24
C TRP A 167 8.78 18.47 -1.06
N HIS A 168 8.71 17.15 -0.97
CA HIS A 168 7.71 16.43 -1.77
C HIS A 168 7.23 15.16 -1.04
N ALA A 169 6.10 14.63 -1.46
CA ALA A 169 5.58 13.42 -0.85
C ALA A 169 4.60 12.73 -1.74
N LEU A 170 4.47 11.43 -1.55
CA LEU A 170 3.53 10.61 -2.30
C LEU A 170 2.53 10.16 -1.26
N TYR A 171 1.25 10.33 -1.56
CA TYR A 171 0.22 9.86 -0.65
C TYR A 171 -0.85 9.27 -1.55
N THR A 172 -1.65 8.37 -1.00
CA THR A 172 -2.75 7.75 -1.75
C THR A 172 -4.02 7.97 -0.98
N ALA A 173 -5.15 7.98 -1.67
CA ALA A 173 -6.43 8.18 -1.03
C ALA A 173 -7.56 7.63 -1.87
N GLY A 174 -8.60 7.17 -1.20
CA GLY A 174 -9.74 6.66 -1.93
C GLY A 174 -10.48 7.85 -2.54
N ILE A 175 -11.00 8.70 -1.67
CA ILE A 175 -11.73 9.89 -2.07
C ILE A 175 -10.94 10.61 -3.16
N VAL A 176 -11.64 11.33 -4.04
CA VAL A 176 -10.98 12.06 -5.11
C VAL A 176 -10.55 13.44 -4.63
N LEU A 177 -9.28 13.76 -4.85
CA LEU A 177 -8.70 15.03 -4.45
C LEU A 177 -7.99 15.72 -5.59
N PRO A 178 -7.76 17.03 -5.46
CA PRO A 178 -7.08 17.74 -6.53
C PRO A 178 -5.77 17.12 -6.95
N ALA A 179 -5.79 16.53 -8.15
CA ALA A 179 -4.61 15.95 -8.77
C ALA A 179 -4.24 14.48 -8.63
N PRO A 180 -5.14 13.55 -9.00
CA PRO A 180 -4.59 12.20 -8.82
C PRO A 180 -3.60 12.04 -10.00
N VAL A 181 -2.51 11.30 -9.79
CA VAL A 181 -1.54 11.09 -10.85
C VAL A 181 -1.95 9.82 -11.59
N SER A 182 -2.72 9.00 -10.90
CA SER A 182 -3.23 7.75 -11.43
C SER A 182 -4.25 7.16 -10.47
N THR A 183 -5.02 6.20 -10.98
CA THR A 183 -6.01 5.52 -10.15
C THR A 183 -6.02 4.03 -10.49
N CYS A 184 -6.04 3.20 -9.45
CA CYS A 184 -6.05 1.76 -9.64
C CYS A 184 -7.21 1.19 -8.85
N ARG A 185 -7.59 -0.05 -9.13
CA ARG A 185 -8.69 -0.67 -8.40
C ARG A 185 -8.28 -1.93 -7.61
N TYR A 186 -8.95 -2.13 -6.47
CA TYR A 186 -8.73 -3.28 -5.60
C TYR A 186 -9.48 -4.51 -6.14
N THR A 187 -8.77 -5.64 -6.25
CA THR A 187 -9.42 -6.86 -6.69
C THR A 187 -9.19 -7.80 -5.52
N HIS A 188 -10.13 -8.73 -5.28
CA HIS A 188 -9.98 -9.64 -4.15
C HIS A 188 -10.08 -11.11 -4.55
N ARG A 189 -9.06 -11.90 -4.24
CA ARG A 189 -9.12 -13.33 -4.55
C ARG A 189 -9.37 -14.13 -3.28
N PRO A 190 -10.51 -14.82 -3.23
CA PRO A 190 -10.91 -15.65 -2.09
C PRO A 190 -10.04 -16.88 -1.88
N LEU A 191 -9.80 -17.19 -0.61
CA LEU A 191 -9.00 -18.35 -0.21
C LEU A 191 -9.92 -19.17 0.70
N ASN A 192 -10.33 -18.59 1.83
CA ASN A 192 -11.27 -19.29 2.71
C ASN A 192 -12.62 -18.75 2.28
N TRP A 193 -13.12 -19.21 1.13
CA TRP A 193 -14.40 -18.73 0.60
C TRP A 193 -15.53 -18.75 1.61
N LYS A 194 -16.03 -19.95 1.91
CA LYS A 194 -17.12 -20.11 2.85
C LYS A 194 -17.01 -19.10 3.99
N LYS A 195 -15.82 -18.95 4.54
CA LYS A 195 -15.56 -18.02 5.63
C LYS A 195 -15.87 -16.57 5.27
N LEU A 196 -15.73 -16.23 3.98
CA LEU A 196 -16.00 -14.87 3.52
C LEU A 196 -17.50 -14.57 3.42
N TYR A 197 -18.26 -15.43 2.73
CA TYR A 197 -19.70 -15.24 2.61
C TYR A 197 -20.25 -15.22 4.01
N GLU A 198 -19.63 -16.04 4.87
CA GLU A 198 -20.03 -16.13 6.25
C GLU A 198 -19.87 -14.78 6.96
N VAL A 199 -18.75 -14.10 6.72
CA VAL A 199 -18.51 -12.81 7.35
C VAL A 199 -19.08 -11.67 6.53
N ASP A 200 -19.62 -12.00 5.36
CA ASP A 200 -20.23 -11.03 4.46
C ASP A 200 -19.26 -10.28 3.56
N PHE A 201 -18.01 -10.71 3.51
CA PHE A 201 -17.06 -10.01 2.67
C PHE A 201 -17.08 -10.48 1.21
N THR A 202 -17.98 -11.41 0.91
CA THR A 202 -18.13 -11.90 -0.46
C THR A 202 -19.59 -12.26 -0.73
N GLY A 203 -20.05 -11.90 -1.92
CA GLY A 203 -21.41 -12.20 -2.30
C GLY A 203 -21.53 -13.60 -2.86
N LEU A 204 -22.76 -14.13 -2.85
CA LEU A 204 -23.01 -15.47 -3.36
C LEU A 204 -24.02 -15.41 -4.50
N PRO A 205 -23.60 -15.81 -5.71
CA PRO A 205 -24.50 -15.80 -6.87
C PRO A 205 -25.42 -17.02 -6.84
N ASP A 206 -26.72 -16.77 -7.02
CA ASP A 206 -27.72 -17.83 -6.99
C ASP A 206 -27.46 -18.98 -7.97
N GLY A 207 -27.08 -18.64 -9.21
CA GLY A 207 -26.84 -19.66 -10.23
C GLY A 207 -25.45 -20.28 -10.31
N HIS A 208 -24.65 -20.10 -9.27
CA HIS A 208 -23.29 -20.64 -9.20
C HIS A 208 -23.13 -21.28 -7.81
N THR A 209 -24.25 -21.35 -7.09
CA THR A 209 -24.39 -21.91 -5.73
C THR A 209 -23.18 -22.34 -4.91
N GLU A 210 -23.21 -21.95 -3.63
CA GLU A 210 -22.16 -22.23 -2.65
C GLU A 210 -21.20 -23.38 -2.94
N GLU A 211 -21.72 -24.52 -3.38
CA GLU A 211 -20.89 -25.67 -3.70
C GLU A 211 -19.86 -25.29 -4.77
N ASP A 212 -20.35 -24.69 -5.84
CA ASP A 212 -19.51 -24.28 -6.97
C ASP A 212 -18.54 -23.18 -6.56
N MET A 213 -18.94 -22.38 -5.58
CA MET A 213 -18.09 -21.31 -5.10
C MET A 213 -16.78 -21.94 -4.66
N ILE A 214 -16.82 -22.59 -3.50
CA ILE A 214 -15.66 -23.25 -2.92
C ILE A 214 -14.93 -24.09 -3.96
N ALA A 215 -15.69 -24.71 -4.85
CA ALA A 215 -15.13 -25.56 -5.89
C ALA A 215 -14.25 -24.81 -6.90
N GLU A 216 -14.58 -23.55 -7.17
CA GLU A 216 -13.84 -22.75 -8.13
C GLU A 216 -12.61 -22.08 -7.50
N ASN A 217 -12.79 -21.55 -6.31
CA ASN A 217 -11.72 -20.87 -5.57
C ASN A 217 -10.65 -21.83 -5.07
N ALA A 218 -10.98 -23.13 -5.05
CA ALA A 218 -10.07 -24.18 -4.61
C ALA A 218 -8.62 -23.87 -4.96
N LEU A 219 -7.69 -24.43 -4.20
CA LEU A 219 -6.29 -24.18 -4.46
C LEU A 219 -5.34 -25.18 -3.78
N PRO A 220 -4.31 -25.65 -4.50
CA PRO A 220 -3.33 -26.61 -4.00
C PRO A 220 -2.84 -26.24 -2.61
N ALA A 221 -2.25 -27.21 -1.91
CA ALA A 221 -1.76 -26.98 -0.57
C ALA A 221 -0.26 -26.73 -0.58
N LYS A 222 0.37 -26.98 -1.71
CA LYS A 222 1.82 -26.75 -1.86
C LYS A 222 2.03 -26.03 -3.18
N THR A 223 3.07 -25.19 -3.24
CA THR A 223 3.36 -24.44 -4.46
C THR A 223 3.72 -25.34 -5.62
N LYS A 224 4.01 -24.76 -6.78
CA LYS A 224 4.31 -25.56 -7.96
C LYS A 224 5.48 -25.09 -8.80
N THR A 225 6.21 -24.07 -8.36
CA THR A 225 7.33 -23.59 -9.17
C THR A 225 8.72 -24.01 -8.69
N ALA A 226 9.50 -24.53 -9.62
CA ALA A 226 10.84 -25.00 -9.35
C ALA A 226 11.74 -23.93 -8.73
N GLY A 227 12.35 -24.27 -7.58
CA GLY A 227 13.26 -23.37 -6.91
C GLY A 227 12.62 -22.39 -5.95
N LEU A 228 11.30 -22.42 -5.86
CA LEU A 228 10.57 -21.51 -4.98
C LEU A 228 11.00 -21.71 -3.53
N ARG A 229 11.98 -20.92 -3.13
CA ARG A 229 12.52 -20.97 -1.77
C ARG A 229 11.87 -19.78 -1.06
N LYS A 230 12.62 -19.05 -0.27
CA LYS A 230 12.09 -17.87 0.39
C LYS A 230 13.27 -16.93 0.59
N LEU A 231 12.98 -15.65 0.64
CA LEU A 231 13.99 -14.64 0.78
C LEU A 231 14.88 -14.76 2.02
N LYS A 232 16.19 -14.62 1.82
CA LYS A 232 17.17 -14.67 2.91
C LYS A 232 18.14 -13.52 2.69
N LYS A 233 18.77 -13.03 3.77
CA LYS A 233 19.69 -11.90 3.65
C LYS A 233 20.75 -12.12 2.58
N GLU A 234 21.18 -13.37 2.42
CA GLU A 234 22.19 -13.69 1.45
C GLU A 234 21.75 -13.36 0.01
N ASP A 235 20.47 -13.54 -0.27
CA ASP A 235 19.88 -13.30 -1.58
C ASP A 235 19.86 -11.84 -2.03
N ILE A 236 19.86 -10.92 -1.07
CA ILE A 236 19.77 -9.50 -1.35
C ILE A 236 20.53 -8.96 -2.54
N ASP A 237 21.84 -8.88 -2.43
CA ASP A 237 22.62 -8.35 -3.52
C ASP A 237 22.02 -8.72 -4.87
N GLN A 238 21.71 -10.00 -5.04
CA GLN A 238 21.15 -10.49 -6.30
C GLN A 238 19.71 -10.09 -6.57
N VAL A 239 18.82 -10.30 -5.61
CA VAL A 239 17.40 -9.95 -5.81
C VAL A 239 17.18 -8.44 -5.97
N PHE A 240 18.10 -7.63 -5.44
CA PHE A 240 17.99 -6.18 -5.53
C PHE A 240 18.26 -5.71 -6.96
N GLU A 241 19.21 -6.35 -7.62
CA GLU A 241 19.52 -5.96 -8.99
C GLU A 241 18.44 -6.49 -9.92
N LEU A 242 17.76 -7.53 -9.49
CA LEU A 242 16.68 -8.12 -10.28
C LEU A 242 15.47 -7.21 -10.12
N PHE A 243 15.22 -6.80 -8.87
CA PHE A 243 14.08 -5.94 -8.57
C PHE A 243 14.29 -4.60 -9.25
N LYS A 244 15.49 -4.05 -9.12
CA LYS A 244 15.82 -2.78 -9.73
C LYS A 244 15.60 -2.87 -11.22
N ARG A 245 16.15 -3.91 -11.83
CA ARG A 245 16.04 -4.16 -13.26
C ARG A 245 14.59 -4.21 -13.70
N TYR A 246 13.74 -4.87 -12.93
CA TYR A 246 12.32 -4.99 -13.29
C TYR A 246 11.48 -3.72 -13.08
N GLN A 247 11.73 -3.01 -12.00
CA GLN A 247 11.00 -1.79 -11.70
C GLN A 247 11.28 -0.64 -12.65
N SER A 248 12.36 -0.73 -13.43
CA SER A 248 12.73 0.35 -14.35
C SER A 248 11.73 0.57 -15.45
N ARG A 249 10.76 -0.33 -15.56
CA ARG A 249 9.74 -0.19 -16.58
C ARG A 249 8.67 0.82 -16.15
N PHE A 250 8.57 1.07 -14.85
CA PHE A 250 7.56 2.00 -14.36
C PHE A 250 7.96 3.46 -14.36
N GLU A 251 6.97 4.34 -14.29
CA GLU A 251 7.23 5.77 -14.30
C GLU A 251 7.17 6.37 -12.90
N LEU A 252 6.51 5.66 -11.99
CA LEU A 252 6.42 6.11 -10.61
C LEU A 252 6.95 4.96 -9.78
N ILE A 253 7.96 5.20 -8.97
CA ILE A 253 8.52 4.12 -8.15
C ILE A 253 9.27 4.66 -6.94
N GLN A 254 9.49 3.78 -5.97
CA GLN A 254 10.30 4.11 -4.82
C GLN A 254 11.69 3.59 -5.18
N ILE A 255 12.69 4.45 -5.10
CA ILE A 255 14.05 4.05 -5.40
C ILE A 255 14.68 3.53 -4.11
N PHE A 256 14.44 2.25 -3.81
CA PHE A 256 14.97 1.63 -2.60
C PHE A 256 16.50 1.57 -2.55
N THR A 257 17.02 1.64 -1.34
CA THR A 257 18.46 1.53 -1.13
C THR A 257 18.46 0.08 -0.70
N LYS A 258 19.63 -0.55 -0.64
CA LYS A 258 19.66 -1.95 -0.24
C LYS A 258 19.16 -2.08 1.18
N GLU A 259 19.35 -1.02 1.97
CA GLU A 259 18.91 -1.06 3.36
C GLU A 259 17.39 -1.12 3.46
N GLU A 260 16.70 -0.24 2.74
CA GLU A 260 15.26 -0.22 2.76
C GLU A 260 14.66 -1.39 2.01
N PHE A 261 15.47 -1.99 1.13
CA PHE A 261 15.03 -3.15 0.38
C PHE A 261 15.02 -4.31 1.35
N GLU A 262 16.12 -4.41 2.10
CA GLU A 262 16.29 -5.47 3.09
C GLU A 262 15.21 -5.31 4.16
N HIS A 263 15.10 -4.11 4.75
CA HIS A 263 14.09 -3.87 5.78
C HIS A 263 12.67 -4.24 5.33
N ASN A 264 12.36 -3.84 4.11
CA ASN A 264 11.05 -4.05 3.50
C ASN A 264 10.60 -5.48 3.25
N PHE A 265 11.52 -6.36 2.89
CA PHE A 265 11.13 -7.72 2.56
C PHE A 265 11.53 -8.82 3.51
N ILE A 266 12.43 -8.53 4.44
CA ILE A 266 12.85 -9.50 5.43
C ILE A 266 12.46 -8.93 6.79
N GLY A 267 11.36 -9.40 7.37
CA GLY A 267 10.92 -8.90 8.66
C GLY A 267 11.58 -9.52 9.89
N GLU A 268 11.04 -9.19 11.06
CA GLU A 268 11.54 -9.70 12.34
C GLU A 268 11.69 -11.22 12.35
N GLU A 269 12.78 -11.69 12.94
CA GLU A 269 13.03 -13.13 13.04
C GLU A 269 12.24 -13.62 14.24
N SER A 270 12.02 -14.94 14.27
CA SER A 270 11.29 -15.55 15.37
C SER A 270 9.96 -14.87 15.69
N LEU A 271 9.01 -14.92 14.77
CA LEU A 271 7.69 -14.36 14.98
C LEU A 271 6.74 -15.47 14.61
N PRO A 272 5.77 -15.79 15.48
CA PRO A 272 4.86 -16.87 15.10
C PRO A 272 4.18 -16.52 13.78
N LEU A 273 3.76 -17.53 13.03
CA LEU A 273 3.09 -17.25 11.77
C LEU A 273 1.76 -16.61 12.09
N ASP A 274 1.42 -16.64 13.38
CA ASP A 274 0.19 -16.05 13.87
C ASP A 274 0.41 -14.54 14.00
N LYS A 275 1.69 -14.13 13.90
CA LYS A 275 2.06 -12.73 14.02
C LYS A 275 3.10 -12.24 13.00
N GLN A 276 3.24 -12.92 11.87
CA GLN A 276 4.21 -12.45 10.88
C GLN A 276 3.54 -11.40 10.00
N VAL A 277 4.35 -10.51 9.42
CA VAL A 277 3.81 -9.44 8.56
C VAL A 277 4.16 -9.54 7.06
N ILE A 278 5.46 -9.53 6.77
CA ILE A 278 5.95 -9.58 5.40
C ILE A 278 6.36 -10.99 4.94
N PHE A 279 5.96 -11.37 3.75
CA PHE A 279 6.32 -12.69 3.20
C PHE A 279 6.97 -12.49 1.83
N SER A 280 8.28 -12.65 1.78
CA SER A 280 9.01 -12.48 0.53
C SER A 280 9.53 -13.84 0.10
N TYR A 281 9.42 -14.13 -1.20
CA TYR A 281 9.90 -15.42 -1.71
C TYR A 281 10.75 -15.16 -2.89
N VAL A 282 11.57 -16.13 -3.23
CA VAL A 282 12.48 -15.98 -4.33
C VAL A 282 12.67 -17.33 -5.02
N VAL A 283 12.95 -17.29 -6.32
CA VAL A 283 13.19 -18.50 -7.09
C VAL A 283 14.67 -18.57 -7.42
N GLU A 284 15.30 -19.68 -7.03
CA GLU A 284 16.71 -19.88 -7.31
C GLU A 284 16.81 -20.99 -8.34
N GLN A 285 17.92 -21.03 -9.05
CA GLN A 285 18.15 -22.04 -10.07
C GLN A 285 19.37 -22.86 -9.67
N PRO A 286 19.49 -24.10 -10.19
CA PRO A 286 20.65 -24.93 -9.85
C PRO A 286 21.87 -24.05 -10.06
N ASP A 287 21.77 -23.27 -11.12
CA ASP A 287 22.79 -22.32 -11.53
C ASP A 287 23.20 -21.41 -10.38
N GLY A 288 22.28 -21.25 -9.42
CA GLY A 288 22.53 -20.38 -8.29
C GLY A 288 21.90 -19.03 -8.58
N LYS A 289 21.14 -18.95 -9.67
CA LYS A 289 20.51 -17.70 -10.04
C LYS A 289 19.10 -17.49 -9.53
N ILE A 290 18.86 -16.28 -9.04
CA ILE A 290 17.56 -15.84 -8.54
C ILE A 290 16.92 -15.13 -9.74
N THR A 291 15.79 -15.65 -10.20
CA THR A 291 15.12 -15.09 -11.36
C THR A 291 13.73 -14.59 -11.05
N ASP A 292 13.22 -14.95 -9.89
CA ASP A 292 11.89 -14.52 -9.49
C ASP A 292 11.92 -14.04 -8.06
N PHE A 293 10.90 -13.29 -7.70
CA PHE A 293 10.76 -12.73 -6.37
C PHE A 293 9.38 -12.11 -6.32
N PHE A 294 8.73 -12.24 -5.19
CA PHE A 294 7.42 -11.66 -4.99
C PHE A 294 7.19 -11.59 -3.49
N SER A 295 6.25 -10.76 -3.08
CA SER A 295 5.98 -10.60 -1.66
C SER A 295 4.59 -10.12 -1.43
N PHE A 296 4.13 -10.36 -0.20
CA PHE A 296 2.81 -9.95 0.23
C PHE A 296 2.89 -9.75 1.74
N TYR A 297 2.04 -8.89 2.27
CA TYR A 297 2.05 -8.63 3.70
C TYR A 297 0.66 -8.87 4.28
N SER A 298 0.60 -8.98 5.60
CA SER A 298 -0.66 -9.29 6.27
C SER A 298 -1.22 -8.15 7.12
N LEU A 299 -2.50 -7.91 6.96
CA LEU A 299 -3.20 -6.88 7.72
C LEU A 299 -4.64 -7.39 7.90
N PRO A 300 -4.93 -8.01 9.04
CA PRO A 300 -6.26 -8.54 9.32
C PRO A 300 -7.27 -7.56 9.91
N PHE A 301 -8.52 -8.01 9.96
CA PHE A 301 -9.64 -7.25 10.52
C PHE A 301 -10.17 -8.02 11.71
N THR A 302 -10.64 -7.30 12.72
CA THR A 302 -11.24 -7.96 13.87
C THR A 302 -12.68 -8.16 13.39
N ILE A 303 -13.47 -8.99 14.06
CA ILE A 303 -14.85 -9.23 13.63
C ILE A 303 -15.89 -9.04 14.72
N LEU A 304 -17.14 -8.87 14.31
CA LEU A 304 -18.25 -8.71 15.24
C LEU A 304 -19.54 -9.21 14.58
N ASN A 305 -19.51 -9.26 13.25
CA ASN A 305 -20.66 -9.70 12.45
C ASN A 305 -20.82 -11.22 12.39
N ASN A 306 -19.94 -11.97 13.06
CA ASN A 306 -20.06 -13.43 13.05
C ASN A 306 -19.85 -14.03 14.43
N THR A 307 -20.60 -15.09 14.70
CA THR A 307 -20.58 -15.78 15.98
C THR A 307 -19.48 -16.82 16.12
N LYS A 308 -19.12 -17.45 15.00
CA LYS A 308 -18.08 -18.47 14.99
C LYS A 308 -16.70 -17.85 14.89
N TYR A 309 -16.64 -16.59 14.45
CA TYR A 309 -15.36 -15.91 14.27
C TYR A 309 -15.17 -14.70 15.15
N LYS A 310 -13.97 -14.14 15.05
CA LYS A 310 -13.58 -12.94 15.79
C LYS A 310 -12.39 -12.34 15.06
N ASP A 311 -12.04 -12.95 13.93
CA ASP A 311 -10.90 -12.50 13.14
C ASP A 311 -11.09 -12.85 11.68
N LEU A 312 -10.34 -12.16 10.82
CA LEU A 312 -10.37 -12.38 9.39
C LEU A 312 -8.97 -12.15 8.81
N GLY A 313 -8.44 -13.16 8.13
CA GLY A 313 -7.10 -13.07 7.58
C GLY A 313 -7.07 -12.43 6.20
N ILE A 314 -6.28 -11.37 6.07
CA ILE A 314 -6.18 -10.67 4.80
C ILE A 314 -4.74 -10.43 4.34
N GLY A 315 -4.47 -10.77 3.08
CA GLY A 315 -3.13 -10.58 2.54
C GLY A 315 -3.12 -9.70 1.32
N TYR A 316 -2.12 -8.81 1.24
CA TYR A 316 -1.99 -7.89 0.13
C TYR A 316 -0.76 -8.18 -0.70
N LEU A 317 -0.93 -8.19 -2.01
CA LEU A 317 0.20 -8.41 -2.89
C LEU A 317 1.05 -7.15 -2.90
N TYR A 318 2.29 -7.31 -2.47
CA TYR A 318 3.23 -6.21 -2.38
C TYR A 318 4.10 -6.10 -3.64
N TYR A 319 5.41 -6.17 -3.46
CA TYR A 319 6.32 -6.08 -4.57
C TYR A 319 6.73 -7.45 -5.11
N TYR A 320 7.21 -7.47 -6.35
CA TYR A 320 7.62 -8.69 -7.01
C TYR A 320 8.40 -8.31 -8.26
N ALA A 321 9.01 -9.30 -8.89
CA ALA A 321 9.78 -9.05 -10.08
C ALA A 321 10.16 -10.38 -10.71
N THR A 322 10.50 -10.34 -12.00
CA THR A 322 10.91 -11.53 -12.75
C THR A 322 11.76 -11.10 -13.93
N ASP A 323 12.43 -12.07 -14.55
CA ASP A 323 13.29 -11.78 -15.69
C ASP A 323 12.73 -12.39 -17.00
N ALA A 324 11.45 -12.75 -16.98
CA ALA A 324 10.81 -13.33 -18.13
C ALA A 324 11.15 -12.57 -19.42
N ASP A 325 10.70 -11.32 -19.52
CA ASP A 325 10.95 -10.54 -20.72
C ASP A 325 12.27 -9.78 -20.81
N PHE A 326 13.25 -10.07 -19.96
CA PHE A 326 14.52 -9.34 -20.02
C PHE A 326 15.21 -9.56 -21.36
N GLN A 327 14.68 -10.49 -22.14
CA GLN A 327 15.24 -10.82 -23.45
C GLN A 327 14.72 -9.86 -24.51
N PHE A 328 13.52 -9.33 -24.28
CA PHE A 328 12.88 -8.40 -25.21
C PHE A 328 13.24 -6.93 -24.93
N LYS A 329 13.35 -6.16 -26.01
CA LYS A 329 13.70 -4.74 -25.94
C LYS A 329 12.48 -3.88 -25.62
N ASP A 330 11.30 -4.31 -26.08
CA ASP A 330 10.05 -3.58 -25.84
C ASP A 330 9.10 -4.39 -24.97
N ARG A 331 8.79 -3.82 -23.81
CA ARG A 331 7.90 -4.46 -22.85
C ARG A 331 6.54 -4.87 -23.41
N PHE A 332 5.92 -4.01 -24.22
CA PHE A 332 4.59 -4.33 -24.75
C PHE A 332 4.55 -5.20 -26.00
N ASP A 333 5.72 -5.68 -26.41
CA ASP A 333 5.79 -6.58 -27.55
C ASP A 333 4.77 -7.69 -27.26
N PRO A 334 4.13 -8.23 -28.31
CA PRO A 334 3.14 -9.31 -28.19
C PRO A 334 3.68 -10.58 -27.53
N LYS A 335 4.93 -10.91 -27.81
CA LYS A 335 5.55 -12.10 -27.24
C LYS A 335 6.14 -11.76 -25.88
N ALA A 336 6.74 -10.58 -25.79
CA ALA A 336 7.34 -10.13 -24.52
C ALA A 336 6.30 -10.27 -23.43
N THR A 337 5.06 -9.93 -23.79
CA THR A 337 3.94 -10.00 -22.88
C THR A 337 3.57 -11.48 -22.66
N LYS A 338 3.92 -12.31 -23.63
CA LYS A 338 3.65 -13.74 -23.55
C LYS A 338 4.33 -14.26 -22.29
N ALA A 339 5.65 -14.22 -22.31
CA ALA A 339 6.45 -14.67 -21.19
C ALA A 339 5.86 -14.10 -19.90
N LEU A 340 6.17 -12.83 -19.66
CA LEU A 340 5.73 -12.11 -18.48
C LEU A 340 4.39 -12.56 -17.96
N LYS A 341 3.39 -12.71 -18.83
CA LYS A 341 2.08 -13.13 -18.38
C LYS A 341 2.01 -14.49 -17.68
N THR A 342 2.47 -15.55 -18.35
CA THR A 342 2.41 -16.88 -17.75
C THR A 342 3.20 -16.98 -16.44
N ARG A 343 4.41 -16.46 -16.44
CA ARG A 343 5.24 -16.50 -15.24
C ARG A 343 4.47 -15.88 -14.06
N LEU A 344 4.07 -14.62 -14.20
CA LEU A 344 3.35 -13.96 -13.12
C LEU A 344 2.16 -14.78 -12.66
N CYS A 345 1.52 -15.48 -13.59
CA CYS A 345 0.37 -16.31 -13.25
C CYS A 345 0.87 -17.46 -12.38
N GLU A 346 2.04 -17.97 -12.72
CA GLU A 346 2.66 -19.06 -11.97
C GLU A 346 2.95 -18.52 -10.58
N LEU A 347 3.93 -17.62 -10.52
CA LEU A 347 4.35 -17.00 -9.27
C LEU A 347 3.17 -16.56 -8.40
N ILE A 348 2.28 -15.76 -8.96
CA ILE A 348 1.16 -15.29 -8.16
C ILE A 348 0.25 -16.43 -7.74
N TYR A 349 0.21 -17.49 -8.55
CA TYR A 349 -0.60 -18.65 -8.22
C TYR A 349 -0.03 -19.25 -6.92
N ASP A 350 1.29 -19.37 -6.86
CA ASP A 350 1.95 -19.91 -5.66
C ASP A 350 1.82 -18.92 -4.50
N ALA A 351 1.81 -17.63 -4.83
CA ALA A 351 1.67 -16.59 -3.81
C ALA A 351 0.31 -16.71 -3.12
N CYS A 352 -0.70 -17.14 -3.87
CA CYS A 352 -2.04 -17.31 -3.33
C CYS A 352 -2.04 -18.54 -2.42
N ILE A 353 -1.27 -19.55 -2.82
CA ILE A 353 -1.13 -20.78 -2.06
C ILE A 353 -0.41 -20.49 -0.73
N LEU A 354 0.75 -19.86 -0.82
CA LEU A 354 1.49 -19.52 0.37
C LEU A 354 0.61 -18.67 1.29
N ALA A 355 -0.25 -17.87 0.70
CA ALA A 355 -1.12 -17.00 1.46
C ALA A 355 -2.18 -17.76 2.24
N LYS A 356 -2.94 -18.64 1.59
CA LYS A 356 -3.97 -19.38 2.33
C LYS A 356 -3.27 -20.28 3.36
N ASN A 357 -2.14 -20.85 2.95
CA ASN A 357 -1.32 -21.69 3.81
C ASN A 357 -0.88 -20.87 5.04
N ALA A 358 -0.59 -19.58 4.82
CA ALA A 358 -0.18 -18.72 5.92
C ALA A 358 -1.39 -18.30 6.74
N ASN A 359 -2.57 -18.75 6.32
CA ASN A 359 -3.84 -18.46 6.98
C ASN A 359 -4.63 -17.25 6.49
N MET A 360 -4.31 -16.76 5.30
CA MET A 360 -5.04 -15.63 4.73
C MET A 360 -6.33 -16.25 4.16
N ASP A 361 -7.42 -15.48 4.13
CA ASP A 361 -8.70 -15.97 3.62
C ASP A 361 -9.00 -15.32 2.27
N VAL A 362 -8.34 -14.19 2.01
CA VAL A 362 -8.54 -13.44 0.78
C VAL A 362 -7.27 -12.70 0.42
N PHE A 363 -6.90 -12.72 -0.86
CA PHE A 363 -5.72 -12.03 -1.34
C PHE A 363 -6.15 -10.77 -2.14
N ASN A 364 -5.58 -9.62 -1.79
CA ASN A 364 -5.92 -8.37 -2.47
C ASN A 364 -4.81 -7.89 -3.40
N ALA A 365 -5.18 -7.44 -4.59
CA ALA A 365 -4.22 -6.91 -5.57
C ALA A 365 -4.75 -5.54 -6.00
N LEU A 366 -4.03 -4.81 -6.87
CA LEU A 366 -4.49 -3.48 -7.24
C LEU A 366 -4.45 -2.98 -8.67
N THR A 367 -4.49 -3.85 -9.67
CA THR A 367 -4.43 -3.39 -11.07
C THR A 367 -3.20 -2.55 -11.41
N SER A 368 -2.34 -2.30 -10.43
CA SER A 368 -1.11 -1.55 -10.67
C SER A 368 -0.02 -2.52 -11.18
N GLN A 369 1.08 -1.98 -11.68
CA GLN A 369 2.17 -2.82 -12.20
C GLN A 369 1.63 -3.64 -13.37
N ASP A 370 1.74 -4.97 -13.31
CA ASP A 370 1.19 -5.80 -14.39
C ASP A 370 0.25 -6.79 -13.73
N ASN A 371 -0.26 -6.43 -12.55
CA ASN A 371 -1.18 -7.27 -11.82
C ASN A 371 -2.43 -7.50 -12.66
N THR A 372 -2.48 -6.77 -13.77
CA THR A 372 -3.60 -6.81 -14.69
C THR A 372 -3.46 -7.99 -15.64
N LEU A 373 -2.22 -8.43 -15.84
CA LEU A 373 -1.94 -9.58 -16.70
C LEU A 373 -2.47 -10.86 -16.10
N PHE A 374 -2.52 -10.92 -14.77
CA PHE A 374 -2.98 -12.11 -14.06
C PHE A 374 -4.21 -11.97 -13.19
N LEU A 375 -4.57 -10.75 -12.82
CA LEU A 375 -5.73 -10.56 -11.96
C LEU A 375 -6.93 -11.38 -12.42
N ASP A 376 -7.39 -11.15 -13.64
CA ASP A 376 -8.50 -11.95 -14.17
C ASP A 376 -7.83 -13.08 -14.92
N ASP A 377 -7.98 -14.28 -14.38
CA ASP A 377 -7.36 -15.50 -14.90
C ASP A 377 -7.23 -16.25 -13.59
N LEU A 378 -6.37 -15.70 -12.73
CA LEU A 378 -6.14 -16.23 -11.40
C LEU A 378 -7.39 -15.89 -10.60
N LYS A 379 -8.37 -15.34 -11.30
CA LYS A 379 -9.65 -14.98 -10.71
C LYS A 379 -9.67 -14.03 -9.51
N PHE A 380 -9.14 -12.83 -9.67
CA PHE A 380 -9.20 -11.84 -8.59
C PHE A 380 -10.50 -11.07 -8.91
N GLY A 381 -11.43 -11.02 -7.96
CA GLY A 381 -12.69 -10.31 -8.21
C GLY A 381 -12.68 -8.83 -7.86
N PRO A 382 -12.81 -7.94 -8.87
CA PRO A 382 -12.83 -6.48 -8.70
C PRO A 382 -13.80 -5.99 -7.62
N GLY A 383 -13.31 -5.14 -6.72
CA GLY A 383 -14.13 -4.63 -5.63
C GLY A 383 -14.49 -3.15 -5.61
N ASP A 384 -15.21 -2.73 -4.57
CA ASP A 384 -15.68 -1.35 -4.38
C ASP A 384 -14.63 -0.27 -4.33
N GLY A 385 -13.48 -0.55 -3.73
CA GLY A 385 -12.45 0.45 -3.61
C GLY A 385 -11.62 0.76 -4.84
N PHE A 386 -11.10 1.98 -4.84
CA PHE A 386 -10.22 2.51 -5.89
C PHE A 386 -9.20 3.33 -5.12
N LEU A 387 -7.97 3.38 -5.62
CA LEU A 387 -6.95 4.14 -4.94
C LEU A 387 -6.36 5.21 -5.86
N ASN A 388 -6.19 6.40 -5.32
CA ASN A 388 -5.64 7.50 -6.10
C ASN A 388 -4.25 7.79 -5.57
N PHE A 389 -3.33 8.09 -6.49
CA PHE A 389 -1.96 8.37 -6.12
C PHE A 389 -1.69 9.85 -6.27
N TYR A 390 -1.13 10.45 -5.23
CA TYR A 390 -0.88 11.87 -5.29
C TYR A 390 0.57 12.23 -5.04
N LEU A 391 1.00 13.32 -5.65
CA LEU A 391 2.36 13.80 -5.45
C LEU A 391 2.27 15.25 -4.94
N PHE A 392 2.62 15.44 -3.68
CA PHE A 392 2.60 16.77 -3.08
C PHE A 392 3.75 17.65 -3.54
N ASN A 393 3.41 18.81 -4.07
CA ASN A 393 4.41 19.77 -4.55
C ASN A 393 5.15 19.23 -5.77
N TYR A 394 4.48 18.43 -6.58
CA TYR A 394 5.12 17.92 -7.78
C TYR A 394 4.13 17.74 -8.92
N ARG A 395 4.45 18.35 -10.05
CA ARG A 395 3.63 18.32 -11.24
C ARG A 395 4.11 17.23 -12.21
N ALA A 396 3.28 16.21 -12.42
CA ALA A 396 3.63 15.11 -13.32
C ALA A 396 2.44 14.68 -14.16
N LYS A 397 2.71 14.38 -15.43
CA LYS A 397 1.68 13.92 -16.38
C LYS A 397 1.04 12.65 -15.87
N PRO A 398 -0.25 12.44 -16.18
CA PRO A 398 -0.93 11.24 -15.72
C PRO A 398 -0.19 9.96 -16.05
N ILE A 399 -0.29 8.99 -15.14
CA ILE A 399 0.35 7.70 -15.28
C ILE A 399 -0.76 6.63 -15.36
N THR A 400 -0.63 5.69 -16.30
CA THR A 400 -1.61 4.62 -16.48
C THR A 400 -1.80 3.79 -15.21
N GLY A 401 -3.04 3.71 -14.74
CA GLY A 401 -3.33 3.00 -13.51
C GLY A 401 -3.91 1.61 -13.61
N GLY A 402 -3.81 1.00 -14.79
CA GLY A 402 -4.32 -0.34 -14.98
C GLY A 402 -5.82 -0.43 -15.17
N LEU A 403 -6.48 0.71 -15.28
CA LEU A 403 -7.92 0.75 -15.45
C LEU A 403 -8.35 1.21 -16.83
N ASN A 404 -9.48 0.72 -17.29
CA ASN A 404 -10.03 1.12 -18.57
C ASN A 404 -11.07 2.16 -18.19
N PRO A 405 -11.56 2.94 -19.16
CA PRO A 405 -12.56 3.94 -18.80
C PRO A 405 -13.77 3.42 -18.02
N ASP A 406 -14.18 2.19 -18.27
CA ASP A 406 -15.34 1.62 -17.57
C ASP A 406 -14.97 0.90 -16.26
N ASN A 407 -13.75 1.12 -15.79
CA ASN A 407 -13.27 0.50 -14.55
C ASN A 407 -13.01 -0.98 -14.72
N SER A 408 -12.79 -1.40 -15.96
CA SER A 408 -12.50 -2.80 -16.26
C SER A 408 -10.99 -2.81 -16.29
N ASN A 409 -10.37 -3.96 -16.05
CA ASN A 409 -8.91 -4.02 -16.08
C ASN A 409 -8.50 -3.75 -17.52
N ASP A 410 -7.25 -3.35 -17.71
CA ASP A 410 -6.74 -3.07 -19.03
C ASP A 410 -5.57 -4.00 -19.38
N ILE A 411 -5.88 -5.26 -19.66
CA ILE A 411 -4.85 -6.22 -20.00
C ILE A 411 -3.89 -5.66 -21.05
N LYS A 412 -4.32 -4.63 -21.74
CA LYS A 412 -3.52 -4.04 -22.81
C LYS A 412 -2.27 -3.32 -22.35
N ARG A 413 -2.46 -2.09 -21.87
CA ARG A 413 -1.33 -1.29 -21.43
C ARG A 413 -0.94 -1.49 -19.95
N ARG A 414 -1.79 -2.18 -19.22
CA ARG A 414 -1.57 -2.46 -17.81
C ARG A 414 -1.40 -1.17 -17.02
N SER A 415 -0.34 -1.08 -16.20
CA SER A 415 -0.11 0.10 -15.40
C SER A 415 1.36 0.50 -15.31
N ASN A 416 1.59 1.75 -14.92
CA ASN A 416 2.95 2.24 -14.77
C ASN A 416 3.20 2.67 -13.34
N VAL A 417 2.19 2.51 -12.49
CA VAL A 417 2.37 2.82 -11.07
C VAL A 417 3.29 1.71 -10.52
N GLY A 418 4.53 2.07 -10.24
CA GLY A 418 5.48 1.10 -9.74
C GLY A 418 5.46 0.96 -8.23
N VAL A 419 4.91 1.94 -7.53
CA VAL A 419 4.86 1.83 -6.08
C VAL A 419 3.60 1.11 -5.66
N VAL A 420 3.61 0.65 -4.42
CA VAL A 420 2.50 -0.04 -3.78
C VAL A 420 2.58 0.58 -2.38
N MET A 421 1.44 1.01 -1.85
CA MET A 421 1.40 1.60 -0.51
C MET A 421 0.99 0.59 0.53
N LEU A 422 1.36 0.80 1.78
CA LEU A 422 1.00 -0.10 2.86
C LEU A 422 -0.46 0.06 3.28
N GLY B 1 -3.24 2.78 1.72
CA GLY B 1 -4.51 3.50 1.76
C GLY B 1 -5.44 3.01 2.87
N LEU B 2 -6.66 2.62 2.53
CA LEU B 2 -7.66 2.11 3.49
C LEU B 2 -7.57 0.58 3.49
N TYR B 3 -8.11 -0.07 2.42
CA TYR B 3 -8.00 -1.50 2.10
C TYR B 3 -9.02 -2.55 1.70
N ALA B 4 -9.32 -3.51 2.56
CA ALA B 4 -10.21 -4.65 2.24
C ALA B 4 -11.23 -4.52 1.11
N SER B 5 -11.81 -3.34 0.95
CA SER B 5 -12.79 -3.13 -0.13
C SER B 5 -13.94 -4.15 -0.06
N LYS B 6 -14.92 -4.01 -0.94
CA LYS B 6 -16.06 -4.92 -0.95
C LYS B 6 -16.54 -5.21 -2.39
N LEU B 7 -17.62 -5.98 -2.54
CA LEU B 7 -18.13 -6.30 -3.88
C LEU B 7 -19.42 -7.12 -3.91
N ALA B 8 -20.30 -6.78 -4.86
CA ALA B 8 -21.57 -7.47 -5.06
C ALA B 8 -21.95 -7.45 -6.55
#